data_1L4I
#
_entry.id   1L4I
#
_cell.length_a   53.500
_cell.length_b   84.240
_cell.length_c   97.340
_cell.angle_alpha   90.00
_cell.angle_beta   90.00
_cell.angle_gamma   90.00
#
_symmetry.space_group_name_H-M   'P 21 21 21'
#
loop_
_entity.id
_entity.type
_entity.pdbx_description
1 polymer 'SfaE PROTEIN'
2 water water
#
_entity_poly.entity_id   1
_entity_poly.type   'polypeptide(L)'
_entity_poly.pdbx_seq_one_letter_code
;GVALGATRVIYPEGQKQVQLAVTNNDDKSSYLIQSWIENAEGKKDARFVITPPLFSMQGKKENTLRIIDATNGQMPEDRE
SLFWVNVKAIPAMDKAKTGENYLQFAIVSRIKLLYRPQGLVIPPEQAPGKLEFTRENGGLTLFNPTPYYLTVTDLKAGNK
SLENTMVPPQGKVTVNIPGGYTGGDITYKTINDYGALTEQVRGVVK
;
_entity_poly.pdbx_strand_id   A,B
#
# COMPACT_ATOMS: atom_id res chain seq x y z
N GLY A 1 10.82 -5.61 -7.18
CA GLY A 1 11.00 -4.58 -6.07
C GLY A 1 10.87 -5.26 -4.71
N VAL A 2 10.87 -4.45 -3.66
CA VAL A 2 10.81 -5.06 -2.32
C VAL A 2 9.35 -5.00 -1.86
N ALA A 3 8.87 -6.10 -1.29
CA ALA A 3 7.47 -6.11 -0.78
C ALA A 3 7.40 -6.70 0.64
N LEU A 4 6.58 -6.10 1.49
CA LEU A 4 6.36 -6.60 2.85
C LEU A 4 5.23 -7.65 2.75
N GLY A 5 5.28 -8.60 3.67
CA GLY A 5 4.35 -9.67 3.86
C GLY A 5 3.06 -9.18 4.55
N ALA A 6 2.90 -7.95 4.99
CA ALA A 6 1.64 -7.59 5.66
C ALA A 6 1.43 -6.08 5.52
N THR A 7 0.23 -5.60 5.80
CA THR A 7 0.03 -4.13 5.76
C THR A 7 -0.10 -3.57 7.18
N ARG A 8 -0.17 -4.44 8.17
CA ARG A 8 -0.29 -4.01 9.57
C ARG A 8 0.14 -5.20 10.43
N VAL A 9 0.64 -4.82 11.59
CA VAL A 9 1.15 -5.81 12.53
C VAL A 9 0.39 -5.55 13.85
N ILE A 10 -0.29 -6.56 14.38
CA ILE A 10 -0.90 -6.47 15.70
C ILE A 10 0.10 -6.98 16.75
N TYR A 11 0.48 -6.24 17.78
CA TYR A 11 1.41 -6.75 18.77
C TYR A 11 0.62 -6.98 20.11
N PRO A 12 0.16 -8.15 20.38
CA PRO A 12 -0.65 -8.47 21.58
C PRO A 12 0.16 -8.29 22.86
N GLU A 13 -0.25 -7.54 23.85
CA GLU A 13 0.52 -7.44 25.12
C GLU A 13 1.04 -8.78 25.59
N GLY A 14 2.26 -8.85 26.08
CA GLY A 14 2.80 -10.12 26.52
C GLY A 14 3.56 -10.94 25.50
N GLN A 15 3.36 -10.75 24.21
CA GLN A 15 4.10 -11.52 23.19
C GLN A 15 5.57 -11.14 23.23
N LYS A 16 6.54 -12.06 23.11
CA LYS A 16 7.94 -11.62 23.22
C LYS A 16 8.46 -10.98 21.93
N GLN A 17 7.86 -11.39 20.79
CA GLN A 17 8.28 -10.74 19.54
C GLN A 17 7.26 -11.07 18.47
N VAL A 18 7.24 -10.27 17.41
CA VAL A 18 6.43 -10.48 16.24
C VAL A 18 7.38 -10.39 15.02
N GLN A 19 7.07 -11.12 13.98
CA GLN A 19 7.94 -11.18 12.81
C GLN A 19 7.23 -10.52 11.64
N LEU A 20 7.99 -9.92 10.75
CA LEU A 20 7.47 -9.30 9.53
C LEU A 20 8.32 -9.76 8.35
N ALA A 21 7.70 -10.36 7.35
CA ALA A 21 8.38 -10.87 6.16
C ALA A 21 8.74 -9.75 5.17
N VAL A 22 9.97 -9.70 4.70
CA VAL A 22 10.39 -8.67 3.76
C VAL A 22 10.89 -9.42 2.53
N THR A 23 10.40 -9.16 1.32
CA THR A 23 10.97 -9.94 0.22
C THR A 23 11.38 -9.14 -1.00
N ASN A 24 12.50 -9.50 -1.62
CA ASN A 24 12.92 -8.92 -2.91
C ASN A 24 12.43 -9.90 -3.99
N ASN A 25 11.52 -9.54 -4.85
CA ASN A 25 10.99 -10.45 -5.85
C ASN A 25 11.78 -10.48 -7.17
N ASP A 26 12.68 -9.56 -7.40
CA ASP A 26 13.41 -9.42 -8.64
C ASP A 26 14.86 -9.90 -8.51
N ASP A 27 15.21 -10.87 -9.35
CA ASP A 27 16.54 -11.41 -9.39
C ASP A 27 17.53 -10.43 -10.02
N LYS A 28 17.09 -9.39 -10.71
CA LYS A 28 18.01 -8.44 -11.33
C LYS A 28 18.35 -7.23 -10.47
N SER A 29 17.75 -7.13 -9.28
CA SER A 29 17.99 -5.95 -8.46
C SER A 29 18.59 -6.21 -7.10
N SER A 30 19.30 -5.20 -6.63
CA SER A 30 19.89 -5.29 -5.30
C SER A 30 19.52 -4.07 -4.46
N TYR A 31 19.43 -4.31 -3.15
CA TYR A 31 18.99 -3.26 -2.25
C TYR A 31 19.69 -3.22 -0.89
N LEU A 32 19.68 -2.03 -0.32
CA LEU A 32 19.98 -1.91 1.11
C LEU A 32 18.59 -1.67 1.75
N ILE A 33 18.31 -2.33 2.87
CA ILE A 33 17.04 -2.21 3.58
C ILE A 33 17.26 -1.60 4.98
N GLN A 34 16.68 -0.43 5.23
CA GLN A 34 16.90 0.26 6.49
C GLN A 34 15.53 0.39 7.18
N SER A 35 15.47 -0.01 8.45
CA SER A 35 14.13 0.00 9.08
C SER A 35 14.16 0.70 10.43
N TRP A 36 13.09 1.35 10.82
CA TRP A 36 13.03 2.03 12.10
C TRP A 36 11.54 2.12 12.47
N ILE A 37 11.36 2.40 13.77
CA ILE A 37 10.03 2.62 14.32
C ILE A 37 9.82 4.07 14.71
N GLU A 38 8.62 4.54 14.43
CA GLU A 38 8.17 5.85 14.85
C GLU A 38 6.93 5.74 15.77
N ASN A 39 6.67 6.78 16.56
CA ASN A 39 5.44 6.79 17.34
C ASN A 39 4.40 7.40 16.39
N ALA A 40 3.21 7.58 16.91
CA ALA A 40 2.07 8.17 16.29
C ALA A 40 2.33 9.61 15.88
N GLU A 41 3.24 10.34 16.53
CA GLU A 41 3.52 11.70 16.10
C GLU A 41 4.58 11.77 14.98
N GLY A 42 5.09 10.61 14.61
CA GLY A 42 6.05 10.55 13.53
C GLY A 42 7.49 10.81 13.94
N LYS A 43 7.85 10.63 15.19
CA LYS A 43 9.21 10.77 15.69
C LYS A 43 9.78 9.38 16.05
N LYS A 44 11.06 9.17 15.76
CA LYS A 44 11.72 7.90 16.01
C LYS A 44 11.45 7.55 17.46
N ASP A 45 11.15 6.28 17.73
CA ASP A 45 10.84 5.98 19.15
C ASP A 45 11.49 4.65 19.49
N ALA A 46 12.01 4.49 20.69
CA ALA A 46 12.63 3.25 21.11
C ALA A 46 11.75 2.38 21.97
N ARG A 47 10.44 2.57 22.11
CA ARG A 47 9.65 1.58 22.84
C ARG A 47 9.51 0.27 22.11
N PHE A 48 9.77 0.18 20.80
CA PHE A 48 9.79 -1.08 20.05
C PHE A 48 11.10 -1.14 19.27
N VAL A 49 11.73 -2.28 19.21
CA VAL A 49 13.03 -2.41 18.52
C VAL A 49 12.84 -3.27 17.27
N ILE A 50 13.41 -2.90 16.13
CA ILE A 50 13.24 -3.76 14.91
C ILE A 50 14.62 -4.22 14.55
N THR A 51 14.84 -5.47 14.25
CA THR A 51 16.18 -5.92 13.89
C THR A 51 16.10 -7.00 12.81
N PRO A 52 17.10 -7.05 11.97
CA PRO A 52 18.21 -6.11 11.92
C PRO A 52 17.71 -4.77 11.41
N PRO A 53 18.22 -3.67 11.90
CA PRO A 53 17.90 -2.34 11.46
C PRO A 53 18.48 -1.95 10.11
N LEU A 54 19.48 -2.68 9.64
CA LEU A 54 20.12 -2.41 8.36
C LEU A 54 20.61 -3.70 7.72
N PHE A 55 20.17 -4.00 6.50
CA PHE A 55 20.72 -5.23 5.92
C PHE A 55 20.69 -5.09 4.40
N SER A 56 21.31 -5.99 3.65
CA SER A 56 21.30 -5.89 2.19
C SER A 56 20.63 -7.10 1.57
N MET A 57 20.01 -6.92 0.41
CA MET A 57 19.37 -8.00 -0.32
C MET A 57 19.94 -7.95 -1.76
N GLN A 58 20.57 -9.00 -2.20
CA GLN A 58 21.18 -9.19 -3.49
C GLN A 58 20.48 -10.30 -4.28
N GLY A 59 19.65 -9.91 -5.26
CA GLY A 59 18.82 -10.91 -5.93
C GLY A 59 17.59 -11.29 -5.06
N LYS A 60 16.95 -12.36 -5.47
CA LYS A 60 15.74 -12.92 -4.95
C LYS A 60 16.00 -13.40 -3.52
N LYS A 61 15.41 -12.70 -2.57
CA LYS A 61 15.65 -13.08 -1.17
C LYS A 61 14.40 -12.86 -0.35
N GLU A 62 14.26 -13.62 0.71
CA GLU A 62 13.18 -13.44 1.66
C GLU A 62 13.83 -13.25 3.05
N ASN A 63 13.55 -12.15 3.74
CA ASN A 63 14.16 -12.01 5.08
C ASN A 63 13.04 -11.84 6.09
N THR A 64 13.31 -11.88 7.36
CA THR A 64 12.33 -11.71 8.41
C THR A 64 12.83 -10.60 9.31
N LEU A 65 11.98 -9.65 9.59
CA LEU A 65 12.37 -8.63 10.56
C LEU A 65 11.71 -9.07 11.89
N ARG A 66 12.41 -8.87 12.99
CA ARG A 66 11.84 -9.14 14.32
C ARG A 66 11.51 -7.80 14.98
N ILE A 67 10.29 -7.69 15.51
CA ILE A 67 9.87 -6.49 16.24
C ILE A 67 9.75 -6.86 17.72
N ILE A 68 10.46 -6.13 18.58
CA ILE A 68 10.54 -6.50 19.99
C ILE A 68 9.99 -5.42 20.90
N ASP A 69 9.11 -5.84 21.79
CA ASP A 69 8.56 -4.92 22.81
C ASP A 69 9.65 -4.41 23.74
N ALA A 70 9.86 -3.11 23.88
CA ALA A 70 10.83 -2.57 24.84
C ALA A 70 10.04 -1.49 25.58
N THR A 71 8.73 -1.75 25.73
CA THR A 71 7.86 -0.73 26.30
C THR A 71 8.17 -0.64 27.81
N ASN A 72 8.74 -1.66 28.44
CA ASN A 72 9.02 -1.66 29.86
C ASN A 72 7.77 -1.65 30.73
N GLY A 73 6.63 -2.08 30.17
CA GLY A 73 5.34 -2.08 30.82
C GLY A 73 4.68 -0.72 30.91
N GLN A 74 5.13 0.34 30.22
CA GLN A 74 4.51 1.64 30.36
C GLN A 74 3.44 2.04 29.36
N MET A 75 3.04 1.18 28.46
CA MET A 75 1.86 1.44 27.61
C MET A 75 0.55 1.50 28.41
N PRO A 76 -0.33 2.36 27.97
CA PRO A 76 -1.70 2.43 28.43
C PRO A 76 -2.31 1.04 28.25
N GLU A 77 -3.16 0.65 29.22
CA GLU A 77 -3.76 -0.67 29.18
C GLU A 77 -5.23 -0.59 28.88
N ASP A 78 -5.78 0.56 28.52
CA ASP A 78 -7.21 0.58 28.19
C ASP A 78 -7.50 0.88 26.73
N ARG A 79 -6.53 0.77 25.82
CA ARG A 79 -6.73 1.20 24.43
C ARG A 79 -5.52 0.74 23.57
N GLU A 80 -5.76 0.62 22.27
CA GLU A 80 -4.61 0.24 21.42
C GLU A 80 -3.66 1.44 21.40
N SER A 81 -2.40 1.28 21.22
CA SER A 81 -1.42 2.29 20.92
C SER A 81 -0.89 2.08 19.45
N LEU A 82 -0.72 3.17 18.72
CA LEU A 82 -0.27 3.10 17.32
C LEU A 82 1.21 3.47 17.13
N PHE A 83 1.96 2.60 16.46
CA PHE A 83 3.33 2.91 16.09
C PHE A 83 3.43 2.69 14.57
N TRP A 84 4.52 3.19 13.99
CA TRP A 84 4.74 3.10 12.55
C TRP A 84 6.04 2.39 12.25
N VAL A 85 5.95 1.26 11.57
CA VAL A 85 7.14 0.52 11.17
C VAL A 85 7.58 1.09 9.78
N ASN A 86 8.77 1.62 9.66
CA ASN A 86 9.22 2.21 8.36
C ASN A 86 10.26 1.29 7.78
N VAL A 87 10.01 0.80 6.55
CA VAL A 87 11.03 -0.07 5.90
C VAL A 87 11.40 0.64 4.58
N LYS A 88 12.62 1.11 4.50
CA LYS A 88 13.11 1.86 3.36
C LYS A 88 14.00 0.90 2.54
N ALA A 89 13.64 0.76 1.28
CA ALA A 89 14.42 -0.06 0.34
C ALA A 89 15.24 0.87 -0.57
N ILE A 90 16.54 0.81 -0.49
CA ILE A 90 17.42 1.73 -1.26
C ILE A 90 18.05 0.92 -2.39
N PRO A 91 17.73 1.21 -3.62
CA PRO A 91 18.15 0.44 -4.81
C PRO A 91 19.61 0.75 -5.22
N ALA A 92 20.36 -0.29 -5.49
CA ALA A 92 21.75 -0.08 -5.91
C ALA A 92 21.77 0.21 -7.43
N MET A 93 22.60 1.11 -7.90
CA MET A 93 22.71 1.28 -9.36
C MET A 93 23.36 0.02 -9.97
N ASP A 94 22.85 -0.38 -11.14
CA ASP A 94 23.46 -1.52 -11.83
C ASP A 94 24.17 -1.10 -13.11
N LEU A 103 20.34 6.82 -9.68
CA LEU A 103 19.44 6.86 -10.80
C LEU A 103 18.06 6.69 -10.13
N GLN A 104 17.75 5.82 -9.20
CA GLN A 104 16.41 5.64 -8.67
C GLN A 104 16.05 6.04 -7.24
N PHE A 105 14.76 6.38 -7.04
CA PHE A 105 14.33 6.81 -5.71
C PHE A 105 14.29 5.65 -4.71
N ALA A 106 14.63 5.84 -3.47
CA ALA A 106 14.35 4.82 -2.43
C ALA A 106 12.81 4.77 -2.28
N ILE A 107 12.29 3.65 -1.82
CA ILE A 107 10.91 3.42 -1.52
C ILE A 107 10.75 3.13 0.00
N VAL A 108 9.92 3.91 0.69
CA VAL A 108 9.64 3.69 2.12
C VAL A 108 8.25 3.03 2.29
N SER A 109 8.18 1.83 2.83
CA SER A 109 6.86 1.21 3.11
C SER A 109 6.53 1.51 4.57
N ARG A 110 5.50 2.22 4.91
CA ARG A 110 5.22 2.64 6.28
C ARG A 110 4.04 1.79 6.76
N ILE A 111 4.16 0.85 7.66
CA ILE A 111 2.91 0.14 8.02
C ILE A 111 2.58 0.29 9.51
N LYS A 112 1.30 0.15 9.83
CA LYS A 112 0.83 0.33 11.21
C LYS A 112 1.23 -0.80 12.16
N LEU A 113 1.72 -0.45 13.32
CA LEU A 113 2.00 -1.45 14.37
C LEU A 113 1.03 -1.09 15.55
N LEU A 114 0.13 -2.00 15.85
CA LEU A 114 -0.92 -1.67 16.86
C LEU A 114 -0.67 -2.51 18.10
N TYR A 115 -0.16 -1.87 19.15
CA TYR A 115 0.05 -2.57 20.42
C TYR A 115 -1.31 -2.89 21.06
N ARG A 116 -1.68 -4.11 21.40
CA ARG A 116 -3.05 -4.34 21.90
C ARG A 116 -3.08 -4.99 23.29
N PRO A 117 -3.46 -4.22 24.28
CA PRO A 117 -3.55 -4.69 25.67
C PRO A 117 -4.63 -5.77 25.78
N GLN A 118 -4.41 -6.67 26.74
CA GLN A 118 -5.42 -7.68 27.07
C GLN A 118 -6.55 -6.98 27.85
N GLY A 119 -7.73 -7.58 27.90
CA GLY A 119 -8.80 -7.05 28.72
C GLY A 119 -9.63 -5.95 28.13
N LEU A 120 -9.52 -5.65 26.81
CA LEU A 120 -10.32 -4.55 26.28
C LEU A 120 -11.82 -4.83 26.34
N VAL A 121 -12.69 -3.85 26.47
CA VAL A 121 -14.13 -4.03 26.75
C VAL A 121 -14.93 -4.74 25.69
N ILE A 122 -14.46 -4.71 24.44
CA ILE A 122 -15.14 -5.41 23.32
C ILE A 122 -14.07 -6.03 22.43
N PRO A 123 -14.31 -7.17 21.86
CA PRO A 123 -13.40 -7.86 20.94
C PRO A 123 -13.33 -7.00 19.67
N PRO A 124 -12.31 -7.20 18.84
CA PRO A 124 -12.11 -6.39 17.63
C PRO A 124 -13.26 -6.27 16.65
N GLU A 125 -13.90 -7.39 16.30
CA GLU A 125 -14.96 -7.47 15.33
C GLU A 125 -16.24 -6.69 15.69
N GLN A 126 -16.41 -6.34 16.95
CA GLN A 126 -17.56 -5.49 17.29
C GLN A 126 -17.26 -4.02 17.12
N ALA A 127 -16.01 -3.61 16.94
CA ALA A 127 -15.73 -2.17 16.91
C ALA A 127 -16.31 -1.37 15.80
N PRO A 128 -16.20 -1.82 14.56
CA PRO A 128 -16.58 -1.07 13.36
C PRO A 128 -17.99 -0.51 13.42
N GLY A 129 -18.88 -1.38 13.97
CA GLY A 129 -20.30 -1.03 14.05
C GLY A 129 -20.62 -0.03 15.15
N LYS A 130 -19.66 0.43 15.99
CA LYS A 130 -19.97 1.43 17.01
C LYS A 130 -19.70 2.84 16.59
N LEU A 131 -19.04 3.00 15.43
CA LEU A 131 -18.67 4.35 14.98
C LEU A 131 -19.85 5.29 14.99
N GLU A 132 -19.71 6.55 15.37
CA GLU A 132 -20.83 7.50 15.45
C GLU A 132 -20.60 8.72 14.56
N PHE A 133 -21.58 9.05 13.75
CA PHE A 133 -21.48 10.17 12.80
C PHE A 133 -22.39 11.33 13.19
N THR A 134 -21.84 12.51 13.22
CA THR A 134 -22.53 13.75 13.58
C THR A 134 -22.30 14.79 12.49
N ARG A 135 -23.31 15.56 12.14
CA ARG A 135 -23.16 16.62 11.14
C ARG A 135 -22.41 17.79 11.79
N GLU A 136 -21.38 18.31 11.14
CA GLU A 136 -20.61 19.42 11.72
C GLU A 136 -19.93 20.24 10.60
N LEU A 140 -18.88 16.22 8.25
CA LEU A 140 -19.03 15.00 9.04
C LEU A 140 -17.95 14.73 10.09
N THR A 141 -18.42 14.58 11.35
CA THR A 141 -17.53 14.21 12.45
C THR A 141 -17.71 12.70 12.70
N LEU A 142 -16.60 11.99 12.84
CA LEU A 142 -16.62 10.56 13.10
C LEU A 142 -16.14 10.41 14.58
N PHE A 143 -16.94 9.74 15.39
CA PHE A 143 -16.54 9.54 16.80
C PHE A 143 -16.40 8.06 17.09
N ASN A 144 -15.27 7.70 17.67
CA ASN A 144 -15.03 6.27 17.91
C ASN A 144 -14.98 5.97 19.40
N PRO A 145 -16.04 5.45 19.96
CA PRO A 145 -16.09 5.12 21.38
C PRO A 145 -15.47 3.79 21.70
N THR A 146 -14.48 3.26 21.01
CA THR A 146 -14.02 1.88 21.33
C THR A 146 -12.54 2.05 21.64
N PRO A 147 -11.91 1.07 22.21
CA PRO A 147 -10.49 1.07 22.44
C PRO A 147 -9.60 0.78 21.20
N TYR A 148 -10.09 0.72 19.96
CA TYR A 148 -9.28 0.36 18.81
C TYR A 148 -9.08 1.46 17.74
N TYR A 149 -7.95 1.40 17.05
CA TYR A 149 -7.80 2.32 15.91
C TYR A 149 -8.69 1.75 14.79
N LEU A 150 -9.55 2.55 14.23
CA LEU A 150 -10.39 2.03 13.14
C LEU A 150 -9.98 2.62 11.79
N THR A 151 -9.69 1.81 10.80
CA THR A 151 -9.26 2.31 9.49
C THR A 151 -10.49 2.20 8.58
N VAL A 152 -11.07 3.32 8.28
CA VAL A 152 -12.29 3.45 7.50
C VAL A 152 -11.98 3.77 6.02
N THR A 153 -12.49 2.96 5.13
CA THR A 153 -12.40 3.02 3.70
C THR A 153 -13.79 2.82 3.06
N ASP A 154 -13.83 3.19 1.76
CA ASP A 154 -15.06 3.13 1.01
C ASP A 154 -16.15 3.95 1.70
N LEU A 155 -15.79 5.11 2.24
CA LEU A 155 -16.76 5.94 2.97
C LEU A 155 -17.62 6.75 2.02
N LYS A 156 -18.93 6.58 2.07
CA LYS A 156 -19.81 7.38 1.22
C LYS A 156 -20.88 8.11 2.03
N ALA A 157 -21.09 9.39 1.72
CA ALA A 157 -22.19 10.17 2.29
C ALA A 157 -23.19 10.24 1.13
N GLY A 158 -24.31 9.53 1.21
CA GLY A 158 -25.23 9.50 0.08
C GLY A 158 -24.48 8.90 -1.12
N ASN A 159 -24.07 9.72 -2.08
CA ASN A 159 -23.39 9.22 -3.27
C ASN A 159 -22.07 9.93 -3.53
N LYS A 160 -21.63 10.78 -2.61
CA LYS A 160 -20.31 11.40 -2.79
C LYS A 160 -19.28 10.57 -2.02
N SER A 161 -18.26 10.03 -2.69
CA SER A 161 -17.19 9.30 -2.07
C SER A 161 -16.33 10.19 -1.18
N LEU A 162 -16.02 9.86 0.06
CA LEU A 162 -15.21 10.71 0.93
C LEU A 162 -13.81 10.13 1.03
N GLU A 163 -12.88 10.84 1.64
CA GLU A 163 -11.53 10.28 1.75
C GLU A 163 -11.44 9.18 2.80
N ASN A 164 -10.48 8.27 2.64
CA ASN A 164 -10.20 7.26 3.65
C ASN A 164 -9.77 7.96 4.95
N THR A 165 -10.12 7.35 6.10
CA THR A 165 -9.66 8.03 7.33
C THR A 165 -9.38 6.97 8.39
N MET A 166 -8.70 7.34 9.45
CA MET A 166 -8.38 6.51 10.58
C MET A 166 -8.85 7.23 11.86
N VAL A 167 -9.66 6.55 12.69
CA VAL A 167 -10.17 7.16 13.91
C VAL A 167 -9.49 6.51 15.11
N PRO A 168 -8.73 7.29 15.86
CA PRO A 168 -8.06 6.89 17.06
C PRO A 168 -9.12 6.49 18.13
N PRO A 169 -8.73 5.56 19.00
CA PRO A 169 -9.51 5.04 20.11
C PRO A 169 -10.01 6.20 20.99
N GLN A 170 -11.32 6.29 21.19
CA GLN A 170 -11.90 7.33 22.02
C GLN A 170 -11.73 8.73 21.41
N GLY A 171 -11.52 8.89 20.11
CA GLY A 171 -11.30 10.14 19.45
C GLY A 171 -12.31 10.42 18.35
N LYS A 172 -12.23 11.58 17.76
CA LYS A 172 -13.04 12.10 16.69
C LYS A 172 -12.11 12.61 15.57
N VAL A 173 -12.67 12.66 14.38
CA VAL A 173 -11.95 13.14 13.20
C VAL A 173 -13.02 13.82 12.34
N THR A 174 -12.65 14.89 11.64
CA THR A 174 -13.63 15.54 10.78
C THR A 174 -13.33 15.24 9.31
N VAL A 175 -14.34 14.78 8.59
CA VAL A 175 -14.14 14.51 7.17
C VAL A 175 -14.83 15.61 6.36
N ASN A 176 -14.06 16.35 5.56
CA ASN A 176 -14.70 17.40 4.74
C ASN A 176 -15.45 16.72 3.60
N ILE A 177 -16.64 17.20 3.31
CA ILE A 177 -17.53 16.74 2.25
C ILE A 177 -17.77 17.91 1.29
N GLY A 183 -28.83 15.42 2.77
CA GLY A 183 -28.50 14.25 3.57
C GLY A 183 -28.05 13.10 2.67
N GLY A 184 -28.31 11.93 3.22
CA GLY A 184 -27.90 10.70 2.53
C GLY A 184 -27.43 9.78 3.67
N ASP A 185 -27.62 8.52 3.31
CA ASP A 185 -27.22 7.40 4.14
C ASP A 185 -25.68 7.33 4.14
N ILE A 186 -25.09 7.03 5.28
CA ILE A 186 -23.64 6.88 5.35
C ILE A 186 -23.20 5.42 5.33
N THR A 187 -22.43 5.00 4.32
CA THR A 187 -21.94 3.64 4.23
C THR A 187 -20.39 3.61 4.23
N TYR A 188 -19.83 2.47 4.68
CA TYR A 188 -18.39 2.39 4.80
C TYR A 188 -17.97 0.97 5.07
N LYS A 189 -16.67 0.80 4.96
CA LYS A 189 -16.01 -0.45 5.27
C LYS A 189 -14.85 -0.13 6.20
N THR A 190 -14.27 -1.11 6.84
CA THR A 190 -13.07 -0.91 7.65
C THR A 190 -12.12 -2.06 7.25
N ILE A 191 -10.87 -1.85 7.58
CA ILE A 191 -9.85 -2.85 7.31
C ILE A 191 -9.62 -3.57 8.62
N ASN A 192 -9.69 -4.89 8.61
CA ASN A 192 -9.56 -5.68 9.84
C ASN A 192 -8.12 -6.01 10.15
N ASP A 193 -7.95 -6.87 11.16
CA ASP A 193 -6.63 -7.21 11.65
C ASP A 193 -5.73 -7.88 10.62
N TYR A 194 -6.28 -8.55 9.65
CA TYR A 194 -5.57 -9.27 8.61
C TYR A 194 -5.37 -8.45 7.34
N GLY A 195 -5.73 -7.18 7.33
CA GLY A 195 -5.57 -6.35 6.14
C GLY A 195 -6.69 -6.50 5.13
N ALA A 196 -7.77 -7.19 5.46
CA ALA A 196 -8.88 -7.45 4.59
C ALA A 196 -10.02 -6.47 4.87
N LEU A 197 -10.91 -6.36 3.92
CA LEU A 197 -12.04 -5.46 3.99
C LEU A 197 -13.21 -6.18 4.68
N THR A 198 -13.86 -5.48 5.62
CA THR A 198 -15.07 -6.05 6.22
C THR A 198 -16.22 -5.82 5.22
N GLU A 199 -17.42 -6.28 5.58
CA GLU A 199 -18.57 -6.00 4.70
C GLU A 199 -19.04 -4.58 4.94
N GLN A 200 -19.76 -4.00 3.99
CA GLN A 200 -20.32 -2.66 4.13
C GLN A 200 -21.22 -2.59 5.37
N VAL A 201 -21.16 -1.47 6.04
CA VAL A 201 -21.91 -1.15 7.23
C VAL A 201 -22.63 0.18 6.95
N ARG A 202 -23.86 0.21 7.45
CA ARG A 202 -24.72 1.36 7.25
C ARG A 202 -24.69 2.19 8.51
N GLY A 203 -24.28 3.43 8.44
CA GLY A 203 -24.26 4.28 9.65
C GLY A 203 -25.41 5.26 9.42
N VAL A 204 -25.72 6.08 10.42
CA VAL A 204 -26.81 7.05 10.26
C VAL A 204 -26.33 8.34 10.92
N VAL A 205 -26.49 9.51 10.34
CA VAL A 205 -25.97 10.74 10.94
C VAL A 205 -26.73 11.20 12.19
N GLY B 1 18.73 10.16 1.17
CA GLY B 1 18.22 11.02 0.07
C GLY B 1 16.68 11.05 0.07
N VAL B 2 16.12 11.10 -1.12
CA VAL B 2 14.72 11.18 -1.37
C VAL B 2 14.17 9.75 -1.44
N ALA B 3 12.92 9.62 -1.11
CA ALA B 3 12.13 8.43 -1.19
C ALA B 3 10.67 8.72 -1.55
N LEU B 4 10.00 7.74 -2.10
CA LEU B 4 8.60 7.83 -2.47
C LEU B 4 7.89 6.87 -1.49
N GLY B 5 6.64 7.14 -1.19
CA GLY B 5 5.95 6.37 -0.18
C GLY B 5 5.16 5.23 -0.79
N ALA B 6 5.25 4.91 -2.09
CA ALA B 6 4.41 3.85 -2.65
C ALA B 6 5.04 3.35 -3.95
N THR B 7 4.72 2.11 -4.30
CA THR B 7 5.19 1.49 -5.54
C THR B 7 4.03 1.47 -6.55
N ARG B 8 2.80 1.69 -6.09
CA ARG B 8 1.67 1.83 -6.99
C ARG B 8 0.62 2.70 -6.31
N VAL B 9 -0.28 3.28 -7.05
CA VAL B 9 -1.34 4.15 -6.56
C VAL B 9 -2.62 3.65 -7.24
N ILE B 10 -3.68 3.37 -6.48
CA ILE B 10 -4.91 2.93 -7.07
C ILE B 10 -5.78 4.18 -7.06
N TYR B 11 -6.43 4.52 -8.15
CA TYR B 11 -7.35 5.66 -8.17
C TYR B 11 -8.77 5.11 -8.35
N PRO B 12 -9.59 5.14 -7.31
CA PRO B 12 -10.95 4.62 -7.34
C PRO B 12 -11.78 5.73 -7.94
N GLU B 13 -12.58 5.41 -8.93
CA GLU B 13 -13.40 6.46 -9.55
C GLU B 13 -14.28 7.11 -8.46
N GLY B 14 -14.49 8.40 -8.44
CA GLY B 14 -15.34 9.02 -7.43
C GLY B 14 -14.47 9.80 -6.46
N GLN B 15 -13.22 9.37 -6.29
CA GLN B 15 -12.32 10.07 -5.37
C GLN B 15 -11.89 11.37 -6.06
N LYS B 16 -11.87 12.43 -5.28
CA LYS B 16 -11.48 13.74 -5.80
C LYS B 16 -9.96 13.87 -5.98
N GLN B 17 -9.18 13.08 -5.24
CA GLN B 17 -7.75 13.11 -5.31
C GLN B 17 -7.18 11.89 -4.59
N VAL B 18 -5.92 11.63 -4.91
CA VAL B 18 -5.20 10.54 -4.21
C VAL B 18 -3.86 11.19 -3.97
N GLN B 19 -3.11 10.81 -2.96
CA GLN B 19 -1.84 11.42 -2.60
C GLN B 19 -0.65 10.49 -2.69
N LEU B 20 0.56 11.00 -2.83
CA LEU B 20 1.77 10.17 -2.90
C LEU B 20 2.82 10.89 -2.07
N ALA B 21 3.36 10.26 -1.03
CA ALA B 21 4.29 10.94 -0.12
C ALA B 21 5.69 10.93 -0.73
N VAL B 22 6.39 12.04 -0.66
CA VAL B 22 7.73 12.22 -1.11
C VAL B 22 8.54 12.69 0.11
N THR B 23 9.60 12.02 0.52
CA THR B 23 10.32 12.44 1.72
C THR B 23 11.80 12.62 1.44
N ASN B 24 12.44 13.46 2.24
CA ASN B 24 13.90 13.63 2.19
C ASN B 24 14.35 13.53 3.65
N ASN B 25 15.27 12.62 3.95
CA ASN B 25 15.71 12.46 5.33
C ASN B 25 16.97 13.29 5.62
N ASP B 26 17.61 13.83 4.59
CA ASP B 26 18.80 14.61 4.77
C ASP B 26 18.59 16.13 4.87
N ASP B 27 18.90 16.56 6.08
CA ASP B 27 18.89 17.96 6.51
C ASP B 27 19.80 18.85 5.68
N LYS B 28 20.90 18.31 5.17
CA LYS B 28 21.87 19.02 4.36
C LYS B 28 21.62 19.09 2.86
N SER B 29 20.75 18.30 2.23
CA SER B 29 20.54 18.38 0.79
C SER B 29 19.23 19.09 0.43
N SER B 30 19.24 19.56 -0.81
CA SER B 30 18.14 20.27 -1.41
C SER B 30 17.89 19.72 -2.81
N TYR B 31 16.63 19.64 -3.21
CA TYR B 31 16.25 19.06 -4.46
C TYR B 31 15.14 19.87 -5.12
N LEU B 32 15.11 19.78 -6.44
CA LEU B 32 13.96 20.31 -7.19
C LEU B 32 13.21 19.01 -7.59
N ILE B 33 11.91 18.99 -7.46
CA ILE B 33 11.13 17.79 -7.71
C ILE B 33 10.10 18.10 -8.78
N GLN B 34 10.22 17.36 -9.86
CA GLN B 34 9.34 17.61 -11.02
C GLN B 34 8.49 16.39 -11.25
N SER B 35 7.21 16.47 -11.59
CA SER B 35 6.50 15.20 -11.77
C SER B 35 5.52 15.33 -12.94
N TRP B 36 5.17 14.22 -13.53
CA TRP B 36 4.13 14.33 -14.58
C TRP B 36 3.57 12.93 -14.74
N ILE B 37 2.52 12.83 -15.49
CA ILE B 37 1.82 11.63 -15.80
C ILE B 37 1.90 11.25 -17.28
N GLU B 38 2.14 9.97 -17.54
CA GLU B 38 2.08 9.43 -18.87
C GLU B 38 1.03 8.35 -19.00
N ASN B 39 0.50 8.16 -20.23
CA ASN B 39 -0.46 7.12 -20.45
C ASN B 39 0.36 5.86 -20.61
N ALA B 40 -0.30 4.75 -20.85
CA ALA B 40 0.40 3.50 -21.09
C ALA B 40 1.15 3.47 -22.43
N GLU B 41 0.87 4.44 -23.32
CA GLU B 41 1.58 4.48 -24.60
C GLU B 41 2.88 5.23 -24.45
N GLY B 42 3.24 5.77 -23.29
CA GLY B 42 4.48 6.45 -23.02
C GLY B 42 4.42 7.95 -23.22
N LYS B 43 3.28 8.51 -23.55
CA LYS B 43 3.12 9.94 -23.78
C LYS B 43 2.56 10.71 -22.58
N LYS B 44 2.87 11.99 -22.44
CA LYS B 44 2.28 12.85 -21.42
C LYS B 44 0.77 12.87 -21.65
N ASP B 45 0.03 12.80 -20.54
CA ASP B 45 -1.44 12.71 -20.78
C ASP B 45 -2.09 13.66 -19.81
N ALA B 46 -3.16 14.34 -20.19
CA ALA B 46 -3.77 15.27 -19.24
C ALA B 46 -4.98 14.62 -18.57
N ARG B 47 -5.35 13.38 -18.80
CA ARG B 47 -6.55 12.91 -18.07
C ARG B 47 -6.35 12.85 -16.54
N PHE B 48 -5.18 12.90 -15.96
CA PHE B 48 -4.89 12.98 -14.56
C PHE B 48 -3.93 14.15 -14.35
N VAL B 49 -4.17 15.00 -13.36
CA VAL B 49 -3.27 16.14 -13.09
C VAL B 49 -2.46 15.80 -11.84
N ILE B 50 -1.20 16.19 -11.72
CA ILE B 50 -0.45 15.95 -10.51
C ILE B 50 0.08 17.32 -10.08
N THR B 51 -0.08 17.70 -8.83
CA THR B 51 0.34 19.00 -8.36
C THR B 51 0.91 18.92 -6.97
N PRO B 52 1.90 19.72 -6.67
CA PRO B 52 2.50 20.65 -7.61
C PRO B 52 3.43 19.92 -8.58
N PRO B 53 3.46 20.36 -9.84
CA PRO B 53 4.24 19.74 -10.89
C PRO B 53 5.71 20.00 -10.65
N LEU B 54 6.09 21.02 -9.89
CA LEU B 54 7.47 21.31 -9.62
C LEU B 54 7.57 22.01 -8.25
N PHE B 55 8.42 21.47 -7.37
CA PHE B 55 8.54 22.15 -6.07
C PHE B 55 9.95 21.97 -5.55
N SER B 56 10.38 22.83 -4.63
CA SER B 56 11.68 22.61 -4.03
C SER B 56 11.48 21.89 -2.69
N MET B 57 12.46 21.05 -2.40
CA MET B 57 12.50 20.27 -1.17
C MET B 57 13.86 20.58 -0.53
N GLN B 58 13.81 21.39 0.52
CA GLN B 58 15.03 21.77 1.21
C GLN B 58 15.17 21.13 2.58
N GLY B 59 16.03 20.11 2.74
CA GLY B 59 16.27 19.48 4.04
C GLY B 59 15.31 18.36 4.41
N LYS B 60 15.36 17.94 5.68
CA LYS B 60 14.49 16.88 6.22
C LYS B 60 13.05 17.36 5.99
N LYS B 61 12.26 16.68 5.19
CA LYS B 61 10.93 17.15 4.95
C LYS B 61 10.05 16.08 4.35
N GLU B 62 8.75 16.29 4.55
CA GLU B 62 7.78 15.41 3.93
C GLU B 62 6.90 16.29 3.04
N ASN B 63 6.74 15.91 1.78
CA ASN B 63 5.85 16.70 0.91
C ASN B 63 4.87 15.70 0.33
N THR B 64 3.72 16.10 -0.17
CA THR B 64 2.70 15.25 -0.71
C THR B 64 2.46 15.65 -2.17
N LEU B 65 2.38 14.71 -3.09
CA LEU B 65 1.89 15.03 -4.43
C LEU B 65 0.38 14.68 -4.48
N ARG B 66 -0.43 15.56 -5.06
CA ARG B 66 -1.82 15.22 -5.25
C ARG B 66 -2.06 14.83 -6.71
N ILE B 67 -2.79 13.77 -6.90
CA ILE B 67 -3.15 13.27 -8.24
C ILE B 67 -4.66 13.41 -8.38
N ILE B 68 -5.11 14.17 -9.37
CA ILE B 68 -6.54 14.45 -9.55
C ILE B 68 -7.10 13.90 -10.83
N ASP B 69 -8.25 13.28 -10.73
CA ASP B 69 -8.94 12.74 -11.88
C ASP B 69 -9.53 13.93 -12.65
N ALA B 70 -9.07 14.05 -13.89
CA ALA B 70 -9.58 15.07 -14.80
C ALA B 70 -10.06 14.29 -16.03
N THR B 71 -10.29 12.98 -15.89
CA THR B 71 -10.62 12.10 -16.99
C THR B 71 -11.83 12.54 -17.82
N ASN B 72 -12.81 13.14 -17.16
CA ASN B 72 -14.01 13.63 -17.82
C ASN B 72 -14.73 12.60 -18.68
N GLY B 73 -15.15 11.56 -17.98
CA GLY B 73 -15.88 10.41 -18.39
C GLY B 73 -15.40 9.54 -19.52
N GLN B 74 -14.17 9.71 -19.98
CA GLN B 74 -13.60 9.07 -21.13
C GLN B 74 -12.77 7.82 -20.87
N MET B 75 -13.12 7.03 -19.86
CA MET B 75 -12.37 5.85 -19.54
C MET B 75 -13.30 4.64 -19.59
N PRO B 76 -12.74 3.55 -20.08
CA PRO B 76 -13.44 2.27 -20.09
C PRO B 76 -13.99 2.07 -18.67
N GLU B 77 -15.22 1.56 -18.55
CA GLU B 77 -15.85 1.42 -17.24
C GLU B 77 -15.86 -0.05 -16.83
N ASP B 78 -15.31 -0.90 -17.70
CA ASP B 78 -15.39 -2.32 -17.42
C ASP B 78 -14.04 -2.95 -17.12
N ARG B 79 -13.00 -2.12 -16.90
CA ARG B 79 -11.67 -2.72 -16.58
C ARG B 79 -10.81 -1.61 -16.02
N GLU B 80 -9.66 -1.93 -15.44
CA GLU B 80 -8.77 -0.86 -14.96
C GLU B 80 -8.08 -0.21 -16.17
N SER B 81 -7.57 0.97 -16.03
CA SER B 81 -6.66 1.57 -17.02
C SER B 81 -5.35 1.86 -16.30
N LEU B 82 -4.24 1.81 -17.00
CA LEU B 82 -2.89 1.96 -16.53
C LEU B 82 -2.26 3.26 -16.97
N PHE B 83 -1.76 4.02 -16.02
CA PHE B 83 -1.01 5.24 -16.26
C PHE B 83 0.31 5.09 -15.54
N TRP B 84 1.23 6.04 -15.75
CA TRP B 84 2.53 5.99 -15.12
C TRP B 84 2.81 7.36 -14.49
N VAL B 85 3.26 7.34 -13.22
CA VAL B 85 3.55 8.60 -12.52
C VAL B 85 5.06 8.73 -12.65
N ASN B 86 5.49 9.84 -13.19
CA ASN B 86 6.95 10.03 -13.31
C ASN B 86 7.39 11.09 -12.31
N VAL B 87 8.43 10.84 -11.54
CA VAL B 87 8.94 11.78 -10.59
C VAL B 87 10.46 11.87 -10.80
N LYS B 88 10.91 13.12 -10.80
CA LYS B 88 12.37 13.27 -10.96
C LYS B 88 12.91 14.26 -9.96
N ALA B 89 13.97 13.88 -9.28
CA ALA B 89 14.55 14.77 -8.28
C ALA B 89 15.89 15.28 -8.81
N ILE B 90 16.12 16.60 -8.77
CA ILE B 90 17.36 17.22 -9.26
C ILE B 90 18.05 17.83 -8.05
N PRO B 91 19.19 17.28 -7.65
CA PRO B 91 19.97 17.77 -6.55
C PRO B 91 20.54 19.17 -6.82
N ALA B 92 20.56 19.97 -5.75
CA ALA B 92 21.10 21.33 -5.85
C ALA B 92 22.62 21.17 -5.94
N MET B 93 23.30 21.67 -6.95
CA MET B 93 24.74 21.45 -7.02
C MET B 93 25.56 22.66 -7.45
N GLN B 104 22.96 15.17 -15.36
CA GLN B 104 23.34 13.75 -15.45
C GLN B 104 23.16 13.00 -14.13
N PHE B 105 22.89 13.78 -13.07
CA PHE B 105 22.77 13.24 -11.72
C PHE B 105 21.36 13.26 -11.16
N ALA B 106 20.33 13.23 -12.01
CA ALA B 106 18.94 13.25 -11.58
C ALA B 106 18.44 11.91 -11.02
N ILE B 107 17.40 11.94 -10.17
CA ILE B 107 16.91 10.70 -9.55
C ILE B 107 15.51 10.52 -10.10
N VAL B 108 15.27 9.42 -10.79
CA VAL B 108 14.07 9.21 -11.55
C VAL B 108 13.34 7.91 -11.18
N SER B 109 12.03 7.97 -10.92
CA SER B 109 11.28 6.73 -10.73
C SER B 109 10.00 6.85 -11.53
N ARG B 110 9.46 5.68 -11.86
CA ARG B 110 8.17 5.65 -12.55
C ARG B 110 7.29 4.67 -11.74
N ILE B 111 6.06 5.07 -11.40
CA ILE B 111 5.29 4.07 -10.63
C ILE B 111 3.92 3.95 -11.28
N LYS B 112 3.27 2.80 -11.21
CA LYS B 112 1.95 2.57 -11.75
C LYS B 112 0.82 3.29 -11.03
N LEU B 113 -0.09 3.83 -11.83
CA LEU B 113 -1.30 4.47 -11.43
C LEU B 113 -2.43 3.66 -12.10
N LEU B 114 -3.20 2.92 -11.30
CA LEU B 114 -4.29 2.10 -11.79
C LEU B 114 -5.64 2.77 -11.56
N TYR B 115 -6.33 3.16 -12.63
CA TYR B 115 -7.60 3.87 -12.46
C TYR B 115 -8.66 2.79 -12.39
N ARG B 116 -9.47 2.75 -11.35
CA ARG B 116 -10.41 1.66 -11.15
C ARG B 116 -11.86 2.13 -11.12
N PRO B 117 -12.61 1.82 -12.17
CA PRO B 117 -14.01 2.20 -12.31
C PRO B 117 -14.89 1.57 -11.23
N GLN B 118 -15.96 2.26 -10.83
CA GLN B 118 -16.92 1.77 -9.86
C GLN B 118 -17.74 0.61 -10.40
N GLY B 119 -18.18 -0.33 -9.57
CA GLY B 119 -19.10 -1.36 -10.04
C GLY B 119 -18.59 -2.55 -10.82
N LEU B 120 -17.30 -2.88 -10.71
CA LEU B 120 -16.78 -4.09 -11.33
C LEU B 120 -17.37 -5.24 -10.51
N VAL B 121 -17.79 -6.31 -11.17
CA VAL B 121 -18.48 -7.40 -10.49
C VAL B 121 -17.55 -8.26 -9.67
N ILE B 122 -16.33 -8.57 -10.07
CA ILE B 122 -15.39 -9.33 -9.23
C ILE B 122 -14.58 -8.35 -8.38
N PRO B 123 -14.51 -8.59 -7.09
CA PRO B 123 -13.80 -7.75 -6.14
C PRO B 123 -12.31 -8.02 -6.27
N PRO B 124 -11.48 -7.04 -5.95
CA PRO B 124 -10.03 -7.13 -6.04
C PRO B 124 -9.45 -8.36 -5.36
N GLU B 125 -9.95 -8.69 -4.15
CA GLU B 125 -9.39 -9.84 -3.45
C GLU B 125 -9.72 -11.17 -4.10
N GLN B 126 -10.75 -11.28 -4.90
CA GLN B 126 -11.00 -12.56 -5.56
C GLN B 126 -10.31 -12.73 -6.93
N ALA B 127 -9.74 -11.67 -7.49
CA ALA B 127 -9.04 -11.74 -8.77
C ALA B 127 -7.94 -12.76 -8.87
N PRO B 128 -6.98 -12.87 -7.99
CA PRO B 128 -5.86 -13.79 -8.10
C PRO B 128 -6.23 -15.22 -8.29
N GLY B 129 -7.29 -15.70 -7.59
CA GLY B 129 -7.71 -17.09 -7.62
C GLY B 129 -8.43 -17.42 -8.92
N LYS B 130 -8.68 -16.43 -9.80
CA LYS B 130 -9.26 -16.74 -11.11
C LYS B 130 -8.25 -16.93 -12.26
N LEU B 131 -6.96 -16.85 -12.03
CA LEU B 131 -5.94 -17.10 -13.02
C LEU B 131 -6.07 -18.52 -13.60
N GLU B 132 -5.96 -18.58 -14.92
CA GLU B 132 -6.06 -19.88 -15.58
C GLU B 132 -4.75 -20.15 -16.28
N PHE B 133 -4.21 -21.33 -16.03
CA PHE B 133 -2.97 -21.82 -16.59
C PHE B 133 -3.30 -22.97 -17.55
N THR B 134 -2.64 -22.91 -18.70
CA THR B 134 -2.74 -23.91 -19.75
C THR B 134 -1.31 -24.29 -20.16
N ARG B 135 -1.05 -25.58 -20.18
CA ARG B 135 0.28 -26.07 -20.61
C ARG B 135 0.21 -26.16 -22.13
N GLU B 136 0.94 -25.32 -22.84
CA GLU B 136 0.87 -25.24 -24.29
C GLU B 136 2.15 -24.58 -24.82
N LEU B 140 3.81 -22.39 -20.34
CA LEU B 140 2.44 -22.13 -19.95
C LEU B 140 1.84 -20.79 -20.37
N THR B 141 0.57 -20.78 -20.73
CA THR B 141 -0.17 -19.55 -20.95
C THR B 141 -1.03 -19.21 -19.72
N LEU B 142 -0.97 -17.99 -19.25
CA LEU B 142 -1.72 -17.47 -18.15
C LEU B 142 -2.88 -16.62 -18.72
N PHE B 143 -4.08 -16.93 -18.30
CA PHE B 143 -5.25 -16.14 -18.72
C PHE B 143 -5.92 -15.49 -17.50
N ASN B 144 -6.21 -14.21 -17.54
CA ASN B 144 -6.80 -13.34 -16.60
C ASN B 144 -8.17 -12.84 -16.97
N PRO B 145 -9.25 -13.55 -16.59
CA PRO B 145 -10.61 -13.21 -16.85
C PRO B 145 -11.16 -12.19 -15.88
N THR B 146 -10.36 -11.25 -15.36
CA THR B 146 -10.88 -10.26 -14.43
C THR B 146 -10.56 -8.93 -15.07
N PRO B 147 -11.14 -7.84 -14.61
CA PRO B 147 -10.90 -6.52 -15.14
C PRO B 147 -9.69 -5.84 -14.50
N TYR B 148 -8.83 -6.56 -13.79
CA TYR B 148 -7.71 -5.97 -13.10
C TYR B 148 -6.37 -6.30 -13.75
N TYR B 149 -5.39 -5.43 -13.53
CA TYR B 149 -4.03 -5.72 -13.92
C TYR B 149 -3.45 -6.51 -12.76
N LEU B 150 -2.95 -7.72 -12.94
CA LEU B 150 -2.49 -8.46 -11.78
C LEU B 150 -0.99 -8.67 -11.85
N THR B 151 -0.29 -8.37 -10.78
CA THR B 151 1.13 -8.56 -10.76
C THR B 151 1.39 -9.88 -10.09
N VAL B 152 1.92 -10.86 -10.82
CA VAL B 152 2.19 -12.19 -10.38
C VAL B 152 3.64 -12.38 -10.02
N THR B 153 4.00 -12.85 -8.83
CA THR B 153 5.37 -13.04 -8.45
C THR B 153 5.45 -14.41 -7.74
N ASP B 154 6.68 -14.84 -7.52
CA ASP B 154 6.92 -16.08 -6.80
C ASP B 154 6.25 -17.26 -7.51
N LEU B 155 6.02 -17.14 -8.80
CA LEU B 155 5.43 -18.13 -9.66
C LEU B 155 6.34 -19.36 -9.73
N LYS B 156 5.74 -20.52 -9.41
CA LYS B 156 6.46 -21.78 -9.42
C LYS B 156 5.61 -22.85 -10.09
N ALA B 157 6.29 -23.65 -10.90
CA ALA B 157 5.68 -24.81 -11.57
C ALA B 157 6.60 -25.96 -11.19
N GLY B 158 6.14 -26.83 -10.30
CA GLY B 158 7.03 -27.89 -9.80
C GLY B 158 8.05 -27.28 -8.83
N ASN B 159 9.33 -27.50 -9.07
CA ASN B 159 10.39 -26.98 -8.20
C ASN B 159 11.06 -25.79 -8.88
N LYS B 160 10.66 -25.58 -10.13
CA LYS B 160 11.12 -24.48 -10.95
C LYS B 160 10.48 -23.13 -10.65
N SER B 161 11.36 -22.16 -10.40
CA SER B 161 10.99 -20.77 -10.18
C SER B 161 10.89 -20.06 -11.53
N LEU B 162 9.76 -19.45 -11.83
CA LEU B 162 9.51 -18.79 -13.11
C LEU B 162 9.60 -17.27 -12.95
N GLU B 163 9.65 -16.54 -14.06
CA GLU B 163 9.80 -15.08 -13.92
C GLU B 163 8.52 -14.36 -13.54
N ASN B 164 8.56 -13.24 -12.86
CA ASN B 164 7.45 -12.38 -12.56
C ASN B 164 6.75 -11.92 -13.84
N THR B 165 5.42 -11.72 -13.72
CA THR B 165 4.75 -11.18 -14.91
C THR B 165 3.63 -10.27 -14.50
N MET B 166 3.13 -9.43 -15.36
CA MET B 166 1.95 -8.62 -15.12
C MET B 166 0.89 -9.01 -16.15
N VAL B 167 -0.28 -9.53 -15.81
CA VAL B 167 -1.29 -9.91 -16.78
C VAL B 167 -2.35 -8.85 -16.82
N PRO B 168 -2.60 -8.26 -17.98
CA PRO B 168 -3.61 -7.26 -18.17
C PRO B 168 -5.02 -7.84 -18.09
N PRO B 169 -5.97 -6.94 -17.91
CA PRO B 169 -7.37 -7.32 -17.79
C PRO B 169 -7.77 -8.11 -19.03
N GLN B 170 -8.41 -9.26 -18.81
CA GLN B 170 -8.93 -10.11 -19.88
C GLN B 170 -7.85 -10.57 -20.85
N GLY B 171 -6.61 -10.67 -20.41
CA GLY B 171 -5.48 -10.94 -21.25
C GLY B 171 -4.78 -12.22 -20.90
N LYS B 172 -3.83 -12.53 -21.72
CA LYS B 172 -3.00 -13.73 -21.70
C LYS B 172 -1.55 -13.30 -21.89
N VAL B 173 -0.71 -14.09 -21.27
CA VAL B 173 0.72 -13.85 -21.24
C VAL B 173 1.33 -15.22 -21.31
N THR B 174 2.54 -15.36 -21.83
CA THR B 174 3.16 -16.67 -21.88
C THR B 174 4.31 -16.65 -20.90
N VAL B 175 4.50 -17.74 -20.16
CA VAL B 175 5.69 -17.76 -19.32
C VAL B 175 6.56 -18.93 -19.81
N ASN B 176 7.76 -18.52 -20.19
CA ASN B 176 8.72 -19.53 -20.68
C ASN B 176 9.13 -20.33 -19.46
N ILE B 177 9.27 -21.62 -19.63
CA ILE B 177 9.76 -22.57 -18.63
C ILE B 177 10.79 -23.41 -19.38
N PRO B 178 11.85 -23.86 -18.76
CA PRO B 178 12.82 -24.74 -19.40
C PRO B 178 12.28 -26.13 -19.70
N GLY B 179 11.17 -26.32 -20.39
CA GLY B 179 10.54 -27.57 -20.74
C GLY B 179 9.04 -27.58 -20.46
N GLY B 180 8.71 -27.91 -19.22
CA GLY B 180 7.34 -28.03 -18.74
C GLY B 180 7.38 -28.99 -17.53
N ASP B 185 2.71 -28.94 -9.33
CA ASP B 185 1.86 -27.88 -8.77
C ASP B 185 2.29 -26.45 -9.17
N ILE B 186 1.34 -25.67 -9.63
CA ILE B 186 1.54 -24.29 -10.03
C ILE B 186 1.00 -23.38 -8.92
N THR B 187 1.93 -22.68 -8.30
CA THR B 187 1.67 -21.75 -7.22
C THR B 187 2.31 -20.37 -7.47
N TYR B 188 1.82 -19.37 -6.74
CA TYR B 188 2.26 -17.99 -6.89
C TYR B 188 1.57 -17.09 -5.87
N LYS B 189 2.09 -15.89 -5.74
CA LYS B 189 1.52 -14.79 -4.96
C LYS B 189 1.23 -13.61 -5.87
N THR B 190 0.51 -12.60 -5.50
CA THR B 190 0.34 -11.37 -6.25
C THR B 190 0.74 -10.16 -5.39
N ILE B 191 0.88 -8.98 -5.95
CA ILE B 191 1.14 -7.78 -5.15
C ILE B 191 -0.22 -7.15 -4.98
N ASN B 192 -0.62 -6.77 -3.77
CA ASN B 192 -1.98 -6.25 -3.71
C ASN B 192 -1.99 -4.76 -3.86
N ASP B 193 -3.13 -4.13 -3.64
CA ASP B 193 -3.26 -2.68 -3.76
C ASP B 193 -2.37 -1.89 -2.81
N TYR B 194 -1.96 -2.44 -1.65
CA TYR B 194 -1.08 -1.66 -0.78
C TYR B 194 0.36 -1.95 -1.04
N GLY B 195 0.70 -2.75 -2.06
CA GLY B 195 2.11 -3.02 -2.33
C GLY B 195 2.57 -4.21 -1.47
N ALA B 196 1.70 -4.96 -0.81
CA ALA B 196 2.17 -6.11 -0.05
C ALA B 196 2.00 -7.42 -0.82
N LEU B 197 2.69 -8.47 -0.43
CA LEU B 197 2.59 -9.79 -0.98
C LEU B 197 1.33 -10.49 -0.44
N THR B 198 0.59 -11.24 -1.23
CA THR B 198 -0.56 -11.97 -0.71
C THR B 198 -0.03 -13.33 -0.23
N GLU B 199 -0.95 -14.14 0.24
CA GLU B 199 -0.63 -15.52 0.64
C GLU B 199 -0.46 -16.30 -0.66
N GLN B 200 0.15 -17.45 -0.57
CA GLN B 200 0.33 -18.34 -1.71
C GLN B 200 -1.02 -18.91 -2.16
N VAL B 201 -1.16 -18.99 -3.48
CA VAL B 201 -2.35 -19.39 -4.19
C VAL B 201 -1.99 -20.50 -5.19
N ARG B 202 -2.92 -21.45 -5.33
CA ARG B 202 -2.73 -22.57 -6.24
C ARG B 202 -3.51 -22.17 -7.48
N GLY B 203 -2.90 -22.24 -8.67
CA GLY B 203 -3.66 -21.79 -9.84
C GLY B 203 -4.72 -22.77 -10.35
N VAL B 204 -5.68 -22.28 -11.12
CA VAL B 204 -6.63 -23.06 -11.87
C VAL B 204 -5.92 -23.55 -13.15
N VAL B 205 -5.63 -24.84 -13.20
CA VAL B 205 -4.96 -25.50 -14.31
C VAL B 205 -5.95 -26.20 -15.25
N LYS B 206 -5.87 -25.87 -16.53
CA LYS B 206 -6.68 -26.44 -17.59
C LYS B 206 -5.89 -27.41 -18.47
#